data_7ZUH
#
_entry.id   7ZUH
#
_cell.length_a   95.681
_cell.length_b   147.016
_cell.length_c   98.709
_cell.angle_alpha   90.000
_cell.angle_beta   90.000
_cell.angle_gamma   90.000
#
_symmetry.space_group_name_H-M   'C 2 2 21'
#
loop_
_entity.id
_entity.type
_entity.pdbx_description
1 polymer 'Penicillin-binding protein 1b'
2 non-polymer 'MAGNESIUM ION'
3 non-polymer 'CHLORIDE ION'
4 water water
#
_entity_poly.entity_id   1
_entity_poly.type   'polypeptide(L)'
_entity_poly.pdbx_seq_one_letter_code
;MQNQLNELKRKMLEFFQQKQKNKKSARPGKKGSSTKKSKTLDKSAIFPAILLSIKALFNLLFVLGFLGGMLGAGIALGYG
VALFDKVRVPQTEELVNQVKDISSISEITYSDGTVIASIESDLLRTSISSEQISENLKKAIIATEDEHFKEHKGVVPKAV
IRATLGKFVGLGSSSGGSTLTQQLIKQQVVGDAPTLARKAAEIVDALALERAMNKDEILTTYLNVAPFGRNNKGQNIAGA
RQAAEGIFGVDASQLTVPQAAFLAGLPQSPITYSPYENTGELKSDEDLEIGLRRAKAVLYSMYRTGALSKDEYSQYKDYD
LKQDFLPSGTVTGISRDYLYFTTLAEAQERMYDYLAQRDNVSAKELKNEATQKFYRDLAAKEIENGGYKITTTIDQKIHS
AMQSAVADYGYLLDDGTGRVEVGNVLMDNQTGAILGFVGGRNYQENQNNHAFDTKRSPASTTKPLLAYGIAIDQGLMGSE
TILSNYPTNFANGNPIMYANSKGTGMMTLGEALNYSWNIPAYWTYRMLRENGVDVKGYMEKMGYEIPEYGIESLPMGGGI
EVTVAQHTNGYQTLANNGVYHQKHVISKIEAADGRVVYEYQDKPVQVYSKATATIMQGLLREVLSSRVTTTFKSNLTSLN
PTLANADWIGKTGTTGQDENMWLMLSTPRLTLGGWIGHDDNHSLSQQAGYSNNSNYMAHLVNAIQQASPSIWGNERFALD
PSVVKSEVLKSTGQKPGKVSVEGKEVEVTGSTVTSYWANKSGAPATSYRFAIGGSDADYQNAWSSIVGSLPTPSSSSSSS
SSSSDSSNSSTTRPSSSRARR
;
_entity_poly.pdbx_strand_id   AAA
#
# COMPACT_ATOMS: atom_id res chain seq x y z
N ILE A 105 -25.61 -19.69 22.87
CA ILE A 105 -24.22 -19.15 23.05
C ILE A 105 -23.63 -18.82 21.68
N SER A 106 -23.50 -17.52 21.36
CA SER A 106 -22.82 -17.01 20.14
C SER A 106 -21.32 -17.35 20.21
N GLU A 107 -20.73 -17.72 19.06
CA GLU A 107 -19.29 -18.07 18.97
C GLU A 107 -18.67 -17.37 17.77
N ILE A 108 -17.63 -16.55 18.01
CA ILE A 108 -16.64 -16.12 16.98
C ILE A 108 -15.66 -17.28 16.73
N THR A 109 -15.57 -17.75 15.49
CA THR A 109 -14.65 -18.87 15.11
C THR A 109 -13.59 -18.38 14.12
N TYR A 110 -12.34 -18.85 14.29
CA TYR A 110 -11.30 -18.79 13.22
C TYR A 110 -11.92 -19.29 11.91
N SER A 111 -11.17 -19.20 10.81
CA SER A 111 -11.59 -19.64 9.44
C SER A 111 -11.95 -21.13 9.45
N ASP A 112 -11.25 -21.93 10.26
CA ASP A 112 -11.33 -23.42 10.22
C ASP A 112 -12.45 -23.91 11.15
N GLY A 113 -13.00 -23.01 11.99
CA GLY A 113 -14.20 -23.26 12.81
C GLY A 113 -13.84 -23.70 14.22
N THR A 114 -12.57 -23.55 14.60
CA THR A 114 -12.10 -23.53 16.01
C THR A 114 -12.57 -22.24 16.69
N VAL A 115 -13.39 -22.35 17.74
CA VAL A 115 -13.96 -21.18 18.48
C VAL A 115 -12.81 -20.31 18.99
N ILE A 116 -12.84 -19.01 18.68
CA ILE A 116 -12.05 -17.94 19.37
C ILE A 116 -12.61 -17.74 20.79
N ALA A 117 -13.93 -17.53 20.90
CA ALA A 117 -14.60 -17.22 22.19
C ALA A 117 -16.13 -17.29 22.00
N SER A 118 -16.85 -17.61 23.08
CA SER A 118 -18.29 -17.29 23.25
C SER A 118 -18.46 -15.82 23.63
N ILE A 119 -19.66 -15.26 23.40
CA ILE A 119 -19.98 -13.82 23.61
C ILE A 119 -20.90 -13.68 24.83
N ASP A 337 -8.81 -9.93 23.75
CA ASP A 337 -7.69 -9.30 23.03
C ASP A 337 -8.21 -8.69 21.73
N TYR A 338 -7.29 -8.33 20.83
CA TYR A 338 -7.65 -7.53 19.62
C TYR A 338 -8.72 -8.32 18.82
N LEU A 339 -8.36 -9.64 18.66
CA LEU A 339 -9.10 -10.48 17.70
C LEU A 339 -10.56 -10.46 18.13
N TYR A 340 -10.79 -10.56 19.43
CA TYR A 340 -12.17 -10.67 19.98
C TYR A 340 -12.93 -9.38 19.63
N PHE A 341 -12.36 -8.23 20.00
CA PHE A 341 -13.06 -6.94 19.90
C PHE A 341 -13.19 -6.52 18.42
N THR A 342 -12.21 -6.85 17.57
CA THR A 342 -12.28 -6.53 16.12
C THR A 342 -13.42 -7.33 15.47
N THR A 343 -13.41 -8.67 15.68
CA THR A 343 -14.45 -9.63 15.22
CA THR A 343 -14.45 -9.65 15.22
C THR A 343 -15.82 -9.16 15.73
N LEU A 344 -15.94 -8.87 17.03
CA LEU A 344 -17.23 -8.49 17.65
C LEU A 344 -17.74 -7.19 16.99
N ALA A 345 -16.88 -6.18 16.87
CA ALA A 345 -17.28 -4.87 16.30
C ALA A 345 -17.80 -5.06 14.88
N GLU A 346 -17.10 -5.85 14.07
CA GLU A 346 -17.52 -6.04 12.67
C GLU A 346 -18.82 -6.84 12.68
N ALA A 347 -18.91 -7.87 13.51
CA ALA A 347 -20.12 -8.71 13.56
C ALA A 347 -21.34 -7.86 13.99
N GLN A 348 -21.15 -6.95 14.95
CA GLN A 348 -22.22 -6.03 15.41
C GLN A 348 -22.70 -5.17 14.24
N GLU A 349 -21.79 -4.66 13.43
CA GLU A 349 -22.18 -3.78 12.29
C GLU A 349 -22.98 -4.60 11.27
N ARG A 350 -22.57 -5.84 11.00
CA ARG A 350 -23.26 -6.73 10.02
C ARG A 350 -24.65 -7.04 10.58
N MET A 351 -24.73 -7.29 11.87
CA MET A 351 -26.00 -7.62 12.56
C MET A 351 -26.92 -6.38 12.52
N TYR A 352 -26.35 -5.20 12.71
CA TYR A 352 -27.13 -3.95 12.59
C TYR A 352 -27.81 -3.88 11.22
N ASP A 353 -27.03 -4.10 10.16
CA ASP A 353 -27.56 -4.00 8.78
C ASP A 353 -28.68 -5.03 8.63
N TYR A 354 -28.44 -6.23 9.10
CA TYR A 354 -29.38 -7.36 8.95
C TYR A 354 -30.69 -7.04 9.67
N LEU A 355 -30.59 -6.58 10.92
CA LEU A 355 -31.78 -6.36 11.77
C LEU A 355 -32.59 -5.18 11.22
N ALA A 356 -31.91 -4.13 10.75
CA ALA A 356 -32.61 -2.97 10.18
C ALA A 356 -33.40 -3.43 8.96
N GLN A 357 -32.79 -4.24 8.09
CA GLN A 357 -33.46 -4.76 6.87
C GLN A 357 -34.57 -5.74 7.26
N ARG A 358 -34.28 -6.63 8.21
CA ARG A 358 -35.27 -7.61 8.68
C ARG A 358 -36.55 -6.88 9.13
N ASP A 359 -36.39 -5.81 9.89
CA ASP A 359 -37.51 -5.08 10.55
C ASP A 359 -38.09 -4.05 9.58
N ASN A 360 -37.60 -4.01 8.34
CA ASN A 360 -38.22 -3.17 7.29
C ASN A 360 -38.01 -1.69 7.64
N VAL A 361 -36.85 -1.35 8.20
CA VAL A 361 -36.52 0.05 8.57
C VAL A 361 -35.94 0.75 7.34
N SER A 362 -36.59 1.83 6.89
CA SER A 362 -36.22 2.59 5.67
C SER A 362 -34.81 3.19 5.81
N ALA A 363 -34.24 3.64 4.68
CA ALA A 363 -33.11 4.61 4.61
C ALA A 363 -33.43 5.83 5.47
N LYS A 364 -34.60 6.46 5.26
CA LYS A 364 -35.04 7.68 5.99
C LYS A 364 -35.05 7.37 7.49
N GLU A 365 -35.73 6.29 7.89
CA GLU A 365 -35.87 5.91 9.32
C GLU A 365 -34.48 5.74 9.94
N LEU A 366 -33.54 5.17 9.18
CA LEU A 366 -32.20 4.80 9.70
C LEU A 366 -31.38 6.07 9.95
N LYS A 367 -31.72 7.18 9.29
CA LYS A 367 -31.04 8.48 9.47
C LYS A 367 -31.38 9.05 10.87
N ASN A 368 -32.48 8.60 11.47
CA ASN A 368 -32.91 9.06 12.81
C ASN A 368 -31.93 8.53 13.87
N GLU A 369 -31.30 9.43 14.64
CA GLU A 369 -30.22 9.08 15.60
C GLU A 369 -30.75 8.13 16.68
N ALA A 370 -31.98 8.35 17.15
CA ALA A 370 -32.59 7.49 18.19
C ALA A 370 -32.82 6.09 17.62
N THR A 371 -33.30 5.99 16.38
CA THR A 371 -33.54 4.66 15.77
C THR A 371 -32.18 3.96 15.59
N GLN A 372 -31.16 4.66 15.12
CA GLN A 372 -29.81 4.07 14.93
C GLN A 372 -29.30 3.53 16.26
N LYS A 373 -29.43 4.33 17.32
CA LYS A 373 -28.93 3.95 18.67
C LYS A 373 -29.62 2.66 19.09
N PHE A 374 -30.93 2.59 18.91
CA PHE A 374 -31.70 1.38 19.28
C PHE A 374 -31.18 0.18 18.48
N TYR A 375 -30.98 0.35 17.17
CA TYR A 375 -30.57 -0.81 16.33
C TYR A 375 -29.13 -1.22 16.64
N ARG A 376 -28.24 -0.29 16.97
CA ARG A 376 -26.87 -0.62 17.44
C ARG A 376 -26.97 -1.46 18.72
N ASP A 377 -27.82 -1.06 19.66
CA ASP A 377 -27.94 -1.81 20.93
C ASP A 377 -28.56 -3.18 20.65
N LEU A 378 -29.60 -3.23 19.82
CA LEU A 378 -30.25 -4.50 19.46
C LEU A 378 -29.20 -5.44 18.84
N ALA A 379 -28.39 -4.91 17.94
CA ALA A 379 -27.35 -5.73 17.26
C ALA A 379 -26.39 -6.30 18.31
N ALA A 380 -25.95 -5.49 19.25
CA ALA A 380 -25.01 -5.93 20.31
C ALA A 380 -25.64 -7.05 21.12
N LYS A 381 -26.89 -6.85 21.56
CA LYS A 381 -27.60 -7.83 22.43
C LYS A 381 -27.89 -9.10 21.64
N GLU A 382 -28.17 -8.97 20.35
CA GLU A 382 -28.45 -10.13 19.48
C GLU A 382 -27.21 -11.03 19.45
N ILE A 383 -26.02 -10.47 19.26
CA ILE A 383 -24.74 -11.23 19.27
C ILE A 383 -24.53 -11.82 20.66
N GLU A 384 -24.75 -11.02 21.71
CA GLU A 384 -24.43 -11.40 23.10
C GLU A 384 -25.29 -12.61 23.46
N ASN A 385 -26.56 -12.61 23.05
CA ASN A 385 -27.61 -13.52 23.60
C ASN A 385 -27.99 -14.59 22.57
N GLY A 386 -27.48 -14.47 21.33
CA GLY A 386 -28.23 -14.84 20.10
C GLY A 386 -27.92 -16.25 19.60
N GLY A 387 -26.74 -16.80 19.94
CA GLY A 387 -26.31 -18.15 19.50
C GLY A 387 -25.76 -18.17 18.07
N TYR A 388 -25.32 -17.02 17.57
CA TYR A 388 -24.82 -16.87 16.18
C TYR A 388 -23.45 -17.52 16.06
N LYS A 389 -23.17 -18.08 14.89
CA LYS A 389 -21.83 -18.60 14.52
C LYS A 389 -21.20 -17.56 13.59
N ILE A 390 -20.13 -16.92 14.03
CA ILE A 390 -19.41 -15.95 13.18
C ILE A 390 -18.19 -16.67 12.61
N THR A 391 -18.11 -16.81 11.30
CA THR A 391 -16.95 -17.40 10.60
C THR A 391 -16.02 -16.27 10.19
N THR A 392 -14.78 -16.30 10.67
CA THR A 392 -13.80 -15.28 10.25
C THR A 392 -12.82 -15.86 9.23
N THR A 393 -12.03 -14.99 8.62
CA THR A 393 -10.96 -15.32 7.66
C THR A 393 -9.68 -15.65 8.42
N ILE A 394 -9.69 -15.45 9.75
CA ILE A 394 -8.44 -15.52 10.54
C ILE A 394 -7.90 -16.95 10.51
N ASP A 395 -6.62 -17.08 10.21
CA ASP A 395 -5.88 -18.36 10.34
C ASP A 395 -5.35 -18.43 11.76
N GLN A 396 -5.90 -19.33 12.59
CA GLN A 396 -5.62 -19.29 14.04
C GLN A 396 -4.11 -19.40 14.29
N LYS A 397 -3.44 -20.37 13.65
CA LYS A 397 -1.99 -20.60 13.90
C LYS A 397 -1.20 -19.35 13.46
N ILE A 398 -1.57 -18.76 12.34
CA ILE A 398 -0.81 -17.58 11.84
C ILE A 398 -1.07 -16.40 12.77
N HIS A 399 -2.33 -16.14 13.09
CA HIS A 399 -2.63 -14.97 13.94
C HIS A 399 -1.96 -15.13 15.31
N SER A 400 -2.02 -16.35 15.88
CA SER A 400 -1.34 -16.64 17.15
C SER A 400 0.17 -16.38 17.02
N ALA A 401 0.77 -16.83 15.92
CA ALA A 401 2.22 -16.57 15.68
C ALA A 401 2.49 -15.07 15.61
N MET A 402 1.60 -14.30 15.02
CA MET A 402 1.80 -12.84 14.88
C MET A 402 1.70 -12.21 16.27
N GLN A 403 0.84 -12.73 17.13
CA GLN A 403 0.69 -12.17 18.49
C GLN A 403 1.98 -12.47 19.27
N SER A 404 2.51 -13.68 19.12
CA SER A 404 3.76 -14.08 19.80
C SER A 404 4.89 -13.22 19.26
N ALA A 405 4.90 -12.94 17.96
CA ALA A 405 5.99 -12.16 17.34
C ALA A 405 5.98 -10.74 17.93
N VAL A 406 4.83 -10.09 18.02
CA VAL A 406 4.87 -8.68 18.53
C VAL A 406 5.16 -8.72 20.04
N ALA A 407 4.73 -9.76 20.75
CA ALA A 407 5.05 -9.89 22.19
C ALA A 407 6.57 -10.02 22.35
N ASP A 408 7.20 -10.85 21.54
CA ASP A 408 8.62 -11.21 21.70
C ASP A 408 9.52 -10.11 21.08
N TYR A 409 9.10 -9.48 19.98
CA TYR A 409 10.01 -8.67 19.14
C TYR A 409 9.53 -7.23 19.01
N GLY A 410 8.36 -6.90 19.55
CA GLY A 410 7.89 -5.51 19.49
C GLY A 410 8.89 -4.53 20.05
N TYR A 411 9.65 -4.92 21.07
CA TYR A 411 10.63 -4.01 21.70
C TYR A 411 11.68 -3.57 20.69
N LEU A 412 11.83 -4.31 19.60
CA LEU A 412 12.82 -3.94 18.56
C LEU A 412 12.39 -2.64 17.88
N LEU A 413 11.13 -2.23 18.03
CA LEU A 413 10.62 -0.98 17.43
C LEU A 413 11.04 0.23 18.24
N ASP A 414 11.34 0.05 19.52
CA ASP A 414 11.60 1.17 20.45
C ASP A 414 12.92 1.82 20.04
N ASP A 415 12.87 3.09 19.69
CA ASP A 415 13.97 3.77 18.97
C ASP A 415 14.43 4.98 19.77
N GLY A 416 14.02 5.08 21.03
CA GLY A 416 14.47 6.19 21.90
C GLY A 416 13.55 7.40 21.82
N THR A 417 12.37 7.22 21.25
CA THR A 417 11.32 8.28 21.22
C THR A 417 10.11 7.83 22.04
N GLY A 418 10.33 6.95 23.00
CA GLY A 418 9.26 6.41 23.85
C GLY A 418 8.71 5.14 23.23
N ARG A 419 7.74 4.52 23.88
CA ARG A 419 7.16 3.26 23.37
C ARG A 419 6.54 3.50 21.99
N VAL A 420 6.91 2.68 21.04
CA VAL A 420 6.45 2.81 19.63
C VAL A 420 5.28 1.86 19.42
N GLU A 421 4.17 2.36 18.89
CA GLU A 421 3.02 1.52 18.58
C GLU A 421 3.12 0.99 17.16
N VAL A 422 2.30 0.00 16.88
CA VAL A 422 2.49 -0.86 15.69
C VAL A 422 1.13 -1.38 15.26
N GLY A 423 0.94 -1.50 13.95
CA GLY A 423 -0.19 -2.19 13.36
C GLY A 423 0.25 -2.97 12.15
N ASN A 424 -0.27 -4.19 12.01
CA ASN A 424 0.07 -5.01 10.83
C ASN A 424 -1.19 -5.73 10.38
N VAL A 425 -1.30 -5.96 9.08
CA VAL A 425 -2.41 -6.74 8.52
C VAL A 425 -1.84 -7.67 7.48
N LEU A 426 -2.10 -8.96 7.64
CA LEU A 426 -1.74 -9.96 6.64
C LEU A 426 -2.96 -10.32 5.83
N MET A 427 -2.84 -10.22 4.52
CA MET A 427 -4.01 -10.33 3.63
C MET A 427 -3.69 -11.28 2.50
N ASP A 428 -4.64 -12.15 2.17
CA ASP A 428 -4.56 -13.04 1.00
C ASP A 428 -4.79 -12.21 -0.27
N ASN A 429 -3.84 -12.23 -1.19
CA ASN A 429 -3.94 -11.35 -2.38
C ASN A 429 -5.09 -11.77 -3.28
N GLN A 430 -5.45 -13.05 -3.31
CA GLN A 430 -6.45 -13.52 -4.30
C GLN A 430 -7.86 -13.30 -3.77
N THR A 431 -8.02 -13.01 -2.47
CA THR A 431 -9.39 -12.94 -1.89
C THR A 431 -9.64 -11.66 -1.07
N GLY A 432 -8.59 -10.99 -0.58
CA GLY A 432 -8.74 -9.90 0.38
C GLY A 432 -9.00 -10.40 1.80
N ALA A 433 -9.01 -11.72 2.01
CA ALA A 433 -9.22 -12.29 3.35
C ALA A 433 -8.08 -11.86 4.27
N ILE A 434 -8.40 -11.44 5.49
CA ILE A 434 -7.35 -11.09 6.48
C ILE A 434 -7.03 -12.31 7.34
N LEU A 435 -5.80 -12.80 7.23
CA LEU A 435 -5.40 -14.09 7.85
C LEU A 435 -4.99 -13.84 9.28
N GLY A 436 -4.55 -12.62 9.56
CA GLY A 436 -4.01 -12.29 10.89
C GLY A 436 -3.65 -10.84 10.93
N PHE A 437 -3.47 -10.32 12.13
CA PHE A 437 -3.12 -8.90 12.26
C PHE A 437 -2.48 -8.67 13.61
N VAL A 438 -1.80 -7.55 13.69
CA VAL A 438 -1.26 -7.04 14.97
C VAL A 438 -1.98 -5.73 15.26
N GLY A 439 -2.63 -5.67 16.41
CA GLY A 439 -3.40 -4.47 16.75
C GLY A 439 -2.56 -3.45 17.48
N GLY A 440 -1.46 -3.89 18.07
CA GLY A 440 -0.61 -3.02 18.87
C GLY A 440 0.34 -3.84 19.71
N ARG A 441 1.12 -3.15 20.52
CA ARG A 441 2.21 -3.76 21.34
C ARG A 441 1.61 -4.68 22.38
N ASN A 442 0.47 -4.32 22.97
CA ASN A 442 -0.07 -5.05 24.14
C ASN A 442 -1.44 -4.46 24.53
N TYR A 443 -2.51 -5.01 23.97
CA TYR A 443 -3.93 -4.69 24.34
C TYR A 443 -4.09 -4.37 25.83
N GLN A 444 -3.45 -5.14 26.71
CA GLN A 444 -3.61 -5.03 28.18
C GLN A 444 -3.10 -3.67 28.66
N GLU A 445 -2.22 -3.03 27.91
CA GLU A 445 -1.62 -1.72 28.32
C GLU A 445 -2.21 -0.60 27.45
N ASN A 446 -2.58 -0.90 26.21
CA ASN A 446 -3.16 0.12 25.30
C ASN A 446 -4.08 -0.59 24.32
N GLN A 447 -5.37 -0.27 24.36
CA GLN A 447 -6.42 -1.03 23.62
C GLN A 447 -6.55 -0.48 22.20
N ASN A 448 -5.91 0.63 21.89
CA ASN A 448 -6.12 1.25 20.55
C ASN A 448 -5.75 0.23 19.47
N ASN A 449 -6.63 0.04 18.49
CA ASN A 449 -6.41 -0.98 17.44
C ASN A 449 -5.77 -0.31 16.24
N HIS A 450 -4.48 -0.53 16.06
CA HIS A 450 -3.68 0.19 15.04
C HIS A 450 -3.77 -0.52 13.68
N ALA A 451 -4.50 -1.62 13.59
CA ALA A 451 -4.68 -2.36 12.32
C ALA A 451 -5.97 -1.90 11.65
N PHE A 452 -7.04 -1.70 12.43
CA PHE A 452 -8.39 -1.50 11.84
C PHE A 452 -8.98 -0.13 12.20
N ASP A 453 -8.52 0.51 13.26
CA ASP A 453 -9.27 1.66 13.84
C ASP A 453 -8.53 2.96 13.51
N THR A 454 -7.23 2.98 13.67
CA THR A 454 -6.42 4.22 13.67
C THR A 454 -6.19 4.65 12.23
N LYS A 455 -6.47 5.90 11.90
CA LYS A 455 -6.16 6.38 10.54
C LYS A 455 -4.92 7.26 10.60
N ARG A 456 -3.95 6.99 9.73
CA ARG A 456 -2.67 7.69 9.73
C ARG A 456 -2.27 7.97 8.28
N SER A 457 -1.46 9.00 8.09
CA SER A 457 -0.92 9.28 6.74
C SER A 457 -0.14 8.05 6.28
N PRO A 458 -0.38 7.54 5.06
CA PRO A 458 0.45 6.48 4.48
C PRO A 458 1.82 6.95 3.96
N ALA A 459 2.08 8.26 4.05
CA ALA A 459 3.40 8.81 3.72
C ALA A 459 3.78 8.39 2.29
N SER A 460 5.03 8.03 2.06
CA SER A 460 5.55 7.79 0.70
C SER A 460 5.04 6.46 0.15
N THR A 461 4.29 5.68 0.93
CA THR A 461 3.70 4.44 0.34
C THR A 461 2.49 4.77 -0.52
N THR A 462 2.10 6.04 -0.61
CA THR A 462 1.01 6.44 -1.51
C THR A 462 1.50 6.44 -2.97
N LYS A 463 2.78 6.69 -3.20
CA LYS A 463 3.31 7.03 -4.54
C LYS A 463 2.99 5.95 -5.57
N PRO A 464 3.17 4.64 -5.28
CA PRO A 464 2.95 3.62 -6.31
C PRO A 464 1.50 3.58 -6.76
N LEU A 465 0.58 3.90 -5.85
CA LEU A 465 -0.87 3.72 -6.10
C LEU A 465 -1.44 4.92 -6.83
N LEU A 466 -1.13 6.11 -6.34
CA LEU A 466 -1.84 7.35 -6.70
C LEU A 466 -1.04 8.15 -7.73
N ALA A 467 0.27 7.92 -7.87
CA ALA A 467 1.08 8.68 -8.84
C ALA A 467 1.58 7.74 -9.93
N TYR A 468 2.59 6.95 -9.63
CA TYR A 468 3.29 6.16 -10.67
C TYR A 468 2.38 5.11 -11.30
N GLY A 469 1.63 4.35 -10.49
CA GLY A 469 0.74 3.31 -11.00
C GLY A 469 -0.28 3.89 -11.95
N ILE A 470 -0.89 5.00 -11.58
CA ILE A 470 -1.89 5.62 -12.48
C ILE A 470 -1.21 6.17 -13.73
N ALA A 471 -0.04 6.80 -13.59
CA ALA A 471 0.66 7.36 -14.77
C ALA A 471 0.99 6.23 -15.76
N ILE A 472 1.46 5.11 -15.25
CA ILE A 472 1.77 3.94 -16.12
C ILE A 472 0.49 3.45 -16.78
N ASP A 473 -0.59 3.39 -16.00
CA ASP A 473 -1.86 2.80 -16.46
C ASP A 473 -2.44 3.67 -17.59
N GLN A 474 -2.18 4.97 -17.54
CA GLN A 474 -2.72 5.97 -18.49
C GLN A 474 -1.77 6.10 -19.69
N GLY A 475 -0.70 5.30 -19.71
CA GLY A 475 0.28 5.35 -20.82
C GLY A 475 1.05 6.66 -20.84
N LEU A 476 1.34 7.23 -19.67
CA LEU A 476 2.04 8.53 -19.52
C LEU A 476 3.49 8.30 -19.07
N MET A 477 3.84 7.04 -18.79
CA MET A 477 5.23 6.70 -18.42
C MET A 477 5.40 5.20 -18.49
N GLY A 478 6.64 4.78 -18.68
CA GLY A 478 7.07 3.39 -18.61
C GLY A 478 8.15 3.21 -17.57
N SER A 479 8.66 2.00 -17.46
CA SER A 479 9.51 1.58 -16.33
C SER A 479 10.82 2.38 -16.33
N GLU A 480 11.27 2.86 -17.49
CA GLU A 480 12.59 3.55 -17.60
C GLU A 480 12.37 4.99 -18.03
N THR A 481 11.15 5.50 -17.83
CA THR A 481 10.86 6.92 -18.02
C THR A 481 11.75 7.75 -17.09
N ILE A 482 12.14 8.93 -17.55
CA ILE A 482 12.97 9.88 -16.78
C ILE A 482 12.05 10.90 -16.12
N LEU A 483 12.34 11.23 -14.87
CA LEU A 483 11.60 12.28 -14.13
C LEU A 483 12.58 13.32 -13.65
N SER A 484 12.08 14.54 -13.49
CA SER A 484 12.87 15.61 -12.88
C SER A 484 12.90 15.43 -11.37
N ASN A 485 14.10 15.45 -10.81
CA ASN A 485 14.32 15.68 -9.38
C ASN A 485 15.08 17.00 -9.20
N TYR A 486 15.07 17.88 -10.21
CA TYR A 486 15.64 19.23 -10.04
C TYR A 486 14.84 19.96 -8.98
N PRO A 487 15.48 20.85 -8.19
CA PRO A 487 14.75 21.65 -7.21
C PRO A 487 13.52 22.32 -7.81
N THR A 488 12.43 22.31 -7.04
CA THR A 488 11.18 23.03 -7.40
C THR A 488 10.42 23.33 -6.12
N ASN A 489 9.47 24.25 -6.19
CA ASN A 489 8.70 24.66 -5.00
C ASN A 489 7.25 24.19 -5.14
N PHE A 490 6.62 23.99 -4.00
CA PHE A 490 5.17 23.83 -3.89
C PHE A 490 4.51 25.16 -4.25
N ALA A 491 3.20 25.13 -4.48
CA ALA A 491 2.38 26.32 -4.81
C ALA A 491 2.60 27.42 -3.76
N ASN A 492 2.84 27.05 -2.50
CA ASN A 492 2.96 28.04 -1.40
C ASN A 492 4.39 28.60 -1.34
N GLY A 493 5.26 28.18 -2.24
CA GLY A 493 6.63 28.74 -2.35
C GLY A 493 7.66 27.91 -1.60
N ASN A 494 7.21 26.95 -0.79
CA ASN A 494 8.14 26.10 0.00
C ASN A 494 8.84 25.13 -0.93
N PRO A 495 10.16 24.91 -0.77
CA PRO A 495 10.88 23.93 -1.56
C PRO A 495 10.38 22.53 -1.27
N ILE A 496 10.30 21.71 -2.32
CA ILE A 496 10.07 20.26 -2.15
C ILE A 496 11.38 19.62 -1.69
N MET A 497 11.35 19.02 -0.50
CA MET A 497 12.56 18.52 0.20
C MET A 497 12.56 17.00 0.22
N TYR A 498 13.75 16.43 0.32
CA TYR A 498 13.96 14.99 0.61
C TYR A 498 15.09 14.92 1.65
N ALA A 499 14.74 14.62 2.89
CA ALA A 499 15.59 14.96 4.06
C ALA A 499 16.12 16.39 3.87
N ASN A 500 17.43 16.55 3.74
CA ASN A 500 18.05 17.89 3.65
C ASN A 500 18.35 18.24 2.18
N SER A 501 17.88 17.44 1.24
CA SER A 501 18.18 17.69 -0.19
C SER A 501 17.04 18.47 -0.84
N LYS A 502 17.38 19.55 -1.55
CA LYS A 502 16.43 20.34 -2.37
C LYS A 502 16.30 19.69 -3.76
N GLY A 503 17.04 18.60 -4.00
CA GLY A 503 16.92 17.83 -5.23
C GLY A 503 18.24 17.67 -5.96
N THR A 504 18.20 16.95 -7.08
CA THR A 504 19.40 16.63 -7.89
C THR A 504 19.10 17.04 -9.32
N GLY A 505 18.89 16.07 -10.19
CA GLY A 505 18.67 16.29 -11.62
C GLY A 505 17.69 15.28 -12.14
N MET A 506 17.88 14.84 -13.38
CA MET A 506 17.00 13.81 -13.99
C MET A 506 17.30 12.47 -13.33
N MET A 507 16.30 11.62 -13.23
CA MET A 507 16.54 10.24 -12.78
C MET A 507 15.47 9.32 -13.37
N THR A 508 15.77 8.04 -13.42
CA THR A 508 14.79 7.01 -13.83
C THR A 508 13.71 6.86 -12.77
N LEU A 509 12.58 6.35 -13.19
CA LEU A 509 11.49 5.93 -12.29
C LEU A 509 12.05 4.96 -11.23
N GLY A 510 12.93 4.04 -11.63
CA GLY A 510 13.50 3.09 -10.68
C GLY A 510 14.26 3.80 -9.56
N GLU A 511 15.09 4.77 -9.92
CA GLU A 511 15.85 5.52 -8.89
C GLU A 511 14.87 6.34 -8.05
N ALA A 512 13.91 7.00 -8.69
CA ALA A 512 12.87 7.75 -7.94
C ALA A 512 12.18 6.85 -6.91
N LEU A 513 11.79 5.62 -7.28
CA LEU A 513 11.06 4.72 -6.37
C LEU A 513 12.01 4.14 -5.32
N ASN A 514 13.22 3.75 -5.73
CA ASN A 514 14.15 3.10 -4.77
C ASN A 514 14.48 4.05 -3.62
N TYR A 515 14.67 5.33 -3.92
CA TYR A 515 15.03 6.37 -2.93
C TYR A 515 13.76 6.96 -2.31
N SER A 516 12.64 6.88 -3.01
CA SER A 516 11.41 7.64 -2.67
C SER A 516 11.67 9.15 -2.72
N TRP A 517 12.36 9.61 -3.76
CA TRP A 517 12.50 11.05 -4.00
C TRP A 517 11.11 11.68 -4.13
N ASN A 518 10.96 12.92 -3.67
CA ASN A 518 9.60 13.54 -3.59
C ASN A 518 9.30 14.30 -4.88
N ILE A 519 10.27 15.02 -5.43
CA ILE A 519 9.99 15.91 -6.58
C ILE A 519 9.45 15.10 -7.75
N PRO A 520 10.01 13.91 -8.10
CA PRO A 520 9.46 13.14 -9.22
C PRO A 520 8.00 12.77 -8.98
N ALA A 521 7.63 12.46 -7.74
CA ALA A 521 6.25 12.03 -7.41
C ALA A 521 5.34 13.25 -7.51
N TYR A 522 5.83 14.41 -7.09
CA TYR A 522 5.13 15.70 -7.22
C TYR A 522 4.81 15.94 -8.71
N TRP A 523 5.81 15.81 -9.58
CA TRP A 523 5.60 16.09 -11.02
C TRP A 523 4.65 15.06 -11.63
N THR A 524 4.75 13.83 -11.18
CA THR A 524 3.87 12.78 -11.75
C THR A 524 2.42 13.14 -11.44
N TYR A 525 2.16 13.53 -10.20
CA TYR A 525 0.77 13.81 -9.79
C TYR A 525 0.32 15.11 -10.48
N ARG A 526 1.21 16.08 -10.63
CA ARG A 526 0.87 17.33 -11.35
C ARG A 526 0.50 16.98 -12.79
N MET A 527 1.22 16.05 -13.39
CA MET A 527 0.90 15.61 -14.79
C MET A 527 -0.50 15.00 -14.83
N LEU A 528 -0.85 14.15 -13.87
CA LEU A 528 -2.21 13.56 -13.81
C LEU A 528 -3.25 14.67 -13.71
N ARG A 529 -3.03 15.65 -12.84
CA ARG A 529 -4.00 16.77 -12.66
C ARG A 529 -4.10 17.55 -13.96
N GLU A 530 -2.96 17.86 -14.59
CA GLU A 530 -2.94 18.66 -15.85
C GLU A 530 -3.75 17.92 -16.91
N ASN A 531 -3.67 16.60 -16.92
CA ASN A 531 -4.28 15.76 -17.98
C ASN A 531 -5.74 15.44 -17.61
N GLY A 532 -6.18 15.84 -16.42
CA GLY A 532 -7.56 15.59 -15.97
C GLY A 532 -7.84 14.11 -15.74
N VAL A 533 -6.83 13.37 -15.29
CA VAL A 533 -6.97 11.91 -15.03
C VAL A 533 -7.89 11.73 -13.83
N ASP A 534 -8.82 10.79 -13.92
CA ASP A 534 -9.78 10.46 -12.85
C ASP A 534 -9.06 9.60 -11.80
N VAL A 535 -8.18 10.23 -11.03
CA VAL A 535 -7.44 9.57 -9.92
C VAL A 535 -8.44 9.05 -8.90
N LYS A 536 -9.47 9.83 -8.60
CA LYS A 536 -10.49 9.46 -7.60
C LYS A 536 -11.12 8.12 -8.00
N GLY A 537 -11.30 7.92 -9.30
CA GLY A 537 -11.88 6.65 -9.81
C GLY A 537 -11.05 5.46 -9.38
N TYR A 538 -9.72 5.54 -9.56
CA TYR A 538 -8.83 4.43 -9.13
C TYR A 538 -8.94 4.25 -7.61
N MET A 539 -8.77 5.32 -6.86
CA MET A 539 -8.60 5.25 -5.41
C MET A 539 -9.91 4.77 -4.77
N GLU A 540 -11.06 5.22 -5.29
CA GLU A 540 -12.34 4.80 -4.68
C GLU A 540 -12.67 3.35 -5.08
N LYS A 541 -12.14 2.87 -6.20
CA LYS A 541 -12.35 1.43 -6.55
C LYS A 541 -11.61 0.56 -5.54
N MET A 542 -10.62 1.10 -4.84
CA MET A 542 -9.86 0.33 -3.83
C MET A 542 -10.37 0.67 -2.42
N GLY A 543 -11.39 1.50 -2.33
CA GLY A 543 -12.05 1.82 -1.05
C GLY A 543 -11.41 2.98 -0.31
N TYR A 544 -10.49 3.71 -0.94
CA TYR A 544 -9.87 4.87 -0.26
C TYR A 544 -10.85 6.04 -0.23
N GLU A 545 -10.75 6.80 0.85
CA GLU A 545 -11.50 8.06 1.05
C GLU A 545 -10.50 9.19 1.21
N ILE A 546 -10.44 10.06 0.21
CA ILE A 546 -9.54 11.23 0.13
C ILE A 546 -10.42 12.44 -0.13
N PRO A 547 -10.37 13.46 0.73
CA PRO A 547 -11.32 14.57 0.63
C PRO A 547 -10.96 15.54 -0.48
N GLU A 548 -9.67 15.76 -0.73
CA GLU A 548 -9.20 16.81 -1.66
C GLU A 548 -8.14 16.21 -2.60
N TYR A 549 -8.47 16.02 -3.88
CA TYR A 549 -7.54 15.41 -4.84
C TYR A 549 -6.58 16.43 -5.45
N GLY A 550 -6.75 17.72 -5.13
CA GLY A 550 -5.83 18.75 -5.65
C GLY A 550 -4.59 18.96 -4.79
N ILE A 551 -4.46 18.24 -3.68
CA ILE A 551 -3.29 18.40 -2.76
C ILE A 551 -2.02 17.95 -3.49
N GLU A 552 -1.03 18.83 -3.61
CA GLU A 552 0.21 18.57 -4.39
C GLU A 552 0.99 17.42 -3.77
N SER A 553 0.86 17.23 -2.45
CA SER A 553 1.68 16.26 -1.69
C SER A 553 0.91 14.96 -1.49
N LEU A 554 -0.19 14.73 -2.21
CA LEU A 554 -0.92 13.45 -2.06
C LEU A 554 0.02 12.27 -2.23
N PRO A 555 0.94 12.23 -3.23
CA PRO A 555 1.79 11.06 -3.39
C PRO A 555 2.71 10.81 -2.19
N MET A 556 2.95 11.86 -1.39
CA MET A 556 3.83 11.80 -0.19
C MET A 556 2.97 11.60 1.07
N GLY A 557 1.67 11.42 0.90
CA GLY A 557 0.76 11.10 2.01
C GLY A 557 0.08 12.32 2.60
N GLY A 558 0.24 13.49 1.98
CA GLY A 558 -0.50 14.68 2.41
C GLY A 558 -1.96 14.55 2.02
N GLY A 559 -2.88 14.89 2.93
CA GLY A 559 -4.31 14.91 2.61
C GLY A 559 -4.90 13.53 2.47
N ILE A 560 -4.22 12.53 3.02
CA ILE A 560 -4.76 11.14 3.05
C ILE A 560 -4.43 10.53 4.42
N GLU A 561 -5.42 9.90 5.02
CA GLU A 561 -5.23 9.12 6.27
CA GLU A 561 -5.27 9.15 6.29
C GLU A 561 -5.97 7.80 6.11
N VAL A 562 -5.30 6.71 6.42
CA VAL A 562 -5.83 5.35 6.13
C VAL A 562 -5.60 4.47 7.34
N THR A 563 -6.41 3.43 7.46
CA THR A 563 -6.07 2.31 8.34
C THR A 563 -5.02 1.42 7.68
N VAL A 564 -4.35 0.62 8.49
CA VAL A 564 -3.42 -0.37 7.94
C VAL A 564 -4.20 -1.39 7.10
N ALA A 565 -5.37 -1.78 7.56
CA ALA A 565 -6.15 -2.79 6.80
C ALA A 565 -6.51 -2.21 5.42
N GLN A 566 -6.98 -0.97 5.36
CA GLN A 566 -7.35 -0.37 4.06
C GLN A 566 -6.12 -0.27 3.18
N HIS A 567 -5.02 0.20 3.74
CA HIS A 567 -3.84 0.46 2.88
C HIS A 567 -3.24 -0.84 2.39
N THR A 568 -3.29 -1.88 3.22
CA THR A 568 -2.88 -3.23 2.80
C THR A 568 -3.70 -3.65 1.58
N ASN A 569 -4.98 -3.27 1.57
CA ASN A 569 -5.87 -3.60 0.43
C ASN A 569 -5.40 -2.91 -0.87
N GLY A 570 -4.83 -1.71 -0.80
CA GLY A 570 -4.26 -1.08 -2.00
C GLY A 570 -3.10 -1.90 -2.53
N TYR A 571 -2.24 -2.39 -1.64
CA TYR A 571 -1.06 -3.16 -2.08
C TYR A 571 -1.52 -4.55 -2.53
N GLN A 572 -2.55 -5.10 -1.90
CA GLN A 572 -3.21 -6.34 -2.39
C GLN A 572 -3.54 -6.15 -3.87
N THR A 573 -4.07 -4.98 -4.24
CA THR A 573 -4.55 -4.77 -5.62
C THR A 573 -3.35 -4.85 -6.57
N LEU A 574 -2.24 -4.20 -6.22
CA LEU A 574 -1.05 -4.22 -7.10
C LEU A 574 -0.49 -5.65 -7.17
N ALA A 575 -0.45 -6.34 -6.04
CA ALA A 575 0.19 -7.67 -5.97
C ALA A 575 -0.68 -8.67 -6.75
N ASN A 576 -1.99 -8.45 -6.75
CA ASN A 576 -2.95 -9.37 -7.41
C ASN A 576 -3.16 -8.97 -8.86
N ASN A 577 -2.09 -8.53 -9.53
CA ASN A 577 -2.08 -8.20 -10.97
C ASN A 577 -3.20 -7.20 -11.27
N GLY A 578 -3.44 -6.28 -10.33
CA GLY A 578 -4.30 -5.12 -10.59
C GLY A 578 -5.74 -5.35 -10.17
N VAL A 579 -6.07 -6.52 -9.64
CA VAL A 579 -7.48 -6.88 -9.31
C VAL A 579 -7.70 -6.72 -7.80
N TYR A 580 -8.55 -5.78 -7.46
CA TYR A 580 -8.96 -5.51 -6.07
C TYR A 580 -9.95 -6.56 -5.61
N HIS A 581 -9.73 -7.05 -4.40
CA HIS A 581 -10.75 -7.78 -3.61
C HIS A 581 -10.92 -7.04 -2.30
N GLN A 582 -12.14 -6.71 -1.95
CA GLN A 582 -12.38 -5.97 -0.71
C GLN A 582 -11.91 -6.76 0.51
N LYS A 583 -11.07 -6.15 1.30
CA LYS A 583 -10.64 -6.69 2.59
C LYS A 583 -11.85 -7.17 3.39
N HIS A 584 -11.64 -8.21 4.18
CA HIS A 584 -12.68 -8.68 5.11
C HIS A 584 -12.06 -9.58 6.16
N VAL A 585 -12.64 -9.55 7.36
CA VAL A 585 -12.28 -10.49 8.45
CA VAL A 585 -12.31 -10.45 8.49
C VAL A 585 -13.46 -11.42 8.72
N ILE A 586 -14.69 -10.99 8.46
CA ILE A 586 -15.87 -11.87 8.57
CA ILE A 586 -15.90 -11.85 8.57
C ILE A 586 -16.23 -12.43 7.20
N SER A 587 -16.33 -13.75 7.10
CA SER A 587 -16.80 -14.39 5.86
C SER A 587 -18.30 -14.62 5.94
N LYS A 588 -18.78 -14.97 7.12
CA LYS A 588 -20.20 -15.40 7.27
C LYS A 588 -20.65 -15.23 8.70
N ILE A 589 -21.92 -14.90 8.86
CA ILE A 589 -22.61 -14.99 10.18
C ILE A 589 -23.86 -15.82 9.97
N GLU A 590 -24.00 -16.88 10.77
CA GLU A 590 -25.17 -17.77 10.69
C GLU A 590 -25.89 -17.75 12.03
N ALA A 591 -27.21 -17.83 12.01
CA ALA A 591 -27.99 -18.20 13.21
C ALA A 591 -27.68 -19.64 13.60
N ALA A 592 -27.99 -20.01 14.84
CA ALA A 592 -27.76 -21.38 15.37
C ALA A 592 -28.36 -22.40 14.40
N ASP A 593 -29.46 -22.05 13.72
CA ASP A 593 -30.20 -23.02 12.88
C ASP A 593 -29.68 -22.96 11.45
N GLY A 594 -28.64 -22.16 11.21
CA GLY A 594 -27.91 -22.13 9.93
C GLY A 594 -28.46 -21.10 8.97
N ARG A 595 -29.50 -20.34 9.35
CA ARG A 595 -29.91 -19.18 8.53
C ARG A 595 -28.71 -18.24 8.36
N VAL A 596 -28.47 -17.79 7.14
CA VAL A 596 -27.36 -16.85 6.84
C VAL A 596 -27.83 -15.43 7.11
N VAL A 597 -27.25 -14.80 8.13
CA VAL A 597 -27.45 -13.38 8.52
C VAL A 597 -26.63 -12.50 7.57
N TYR A 598 -25.40 -12.92 7.28
CA TYR A 598 -24.46 -12.16 6.42
C TYR A 598 -23.48 -13.13 5.78
N GLU A 599 -23.13 -12.87 4.53
CA GLU A 599 -22.06 -13.59 3.83
C GLU A 599 -21.32 -12.60 2.96
N TYR A 600 -20.03 -12.59 3.09
CA TYR A 600 -19.16 -11.77 2.24
C TYR A 600 -19.38 -12.17 0.79
N GLN A 601 -19.47 -11.18 -0.09
CA GLN A 601 -19.67 -11.38 -1.54
C GLN A 601 -18.50 -10.76 -2.29
N ASP A 602 -17.71 -11.59 -2.98
CA ASP A 602 -16.54 -11.11 -3.75
C ASP A 602 -17.04 -10.23 -4.89
N LYS A 603 -16.43 -9.06 -5.04
CA LYS A 603 -16.70 -8.10 -6.14
C LYS A 603 -15.36 -7.65 -6.70
N PRO A 604 -14.66 -8.54 -7.44
CA PRO A 604 -13.36 -8.19 -8.01
C PRO A 604 -13.48 -7.00 -8.96
N VAL A 605 -12.50 -6.10 -8.90
CA VAL A 605 -12.43 -4.93 -9.82
C VAL A 605 -11.02 -4.86 -10.39
N GLN A 606 -10.90 -4.73 -11.71
CA GLN A 606 -9.60 -4.52 -12.39
C GLN A 606 -9.27 -3.02 -12.30
N VAL A 607 -8.53 -2.64 -11.27
CA VAL A 607 -8.28 -1.22 -10.94
C VAL A 607 -7.14 -0.71 -11.81
N TYR A 608 -6.09 -1.50 -11.91
CA TYR A 608 -4.96 -1.24 -12.83
C TYR A 608 -4.97 -2.35 -13.86
N SER A 609 -4.50 -2.05 -15.06
CA SER A 609 -4.32 -3.13 -16.07
C SER A 609 -3.30 -4.14 -15.54
N LYS A 610 -3.36 -5.37 -16.04
CA LYS A 610 -2.38 -6.39 -15.70
C LYS A 610 -0.99 -5.87 -16.08
N ALA A 611 -0.89 -5.16 -17.20
CA ALA A 611 0.42 -4.63 -17.62
C ALA A 611 0.93 -3.68 -16.53
N THR A 612 0.09 -2.75 -16.11
CA THR A 612 0.51 -1.75 -15.11
C THR A 612 0.96 -2.45 -13.83
N ALA A 613 0.12 -3.33 -13.31
CA ALA A 613 0.37 -3.97 -12.00
C ALA A 613 1.67 -4.74 -12.10
N THR A 614 1.89 -5.45 -13.21
CA THR A 614 3.09 -6.31 -13.29
C THR A 614 4.34 -5.46 -13.51
N ILE A 615 4.23 -4.34 -14.21
CA ILE A 615 5.38 -3.40 -14.30
C ILE A 615 5.68 -2.89 -12.89
N MET A 616 4.67 -2.49 -12.14
CA MET A 616 4.86 -1.92 -10.78
CA MET A 616 4.87 -1.92 -10.79
C MET A 616 5.50 -2.99 -9.88
N GLN A 617 5.09 -4.25 -10.02
CA GLN A 617 5.68 -5.34 -9.21
C GLN A 617 7.20 -5.36 -9.42
N GLY A 618 7.65 -5.27 -10.68
CA GLY A 618 9.09 -5.31 -10.97
C GLY A 618 9.79 -4.13 -10.33
N LEU A 619 9.16 -2.95 -10.33
CA LEU A 619 9.77 -1.74 -9.73
C LEU A 619 9.85 -1.93 -8.21
N LEU A 620 8.80 -2.45 -7.60
CA LEU A 620 8.75 -2.57 -6.14
C LEU A 620 9.63 -3.73 -5.68
N ARG A 621 9.94 -4.67 -6.56
CA ARG A 621 10.96 -5.68 -6.23
C ARG A 621 12.29 -4.98 -5.93
N GLU A 622 12.62 -3.97 -6.73
CA GLU A 622 13.94 -3.34 -6.62
C GLU A 622 13.94 -2.35 -5.46
N VAL A 623 12.77 -1.82 -5.10
CA VAL A 623 12.71 -0.97 -3.89
C VAL A 623 13.31 -1.76 -2.74
N LEU A 624 12.89 -3.01 -2.55
CA LEU A 624 13.40 -3.81 -1.43
C LEU A 624 14.83 -4.25 -1.68
N SER A 625 15.15 -4.75 -2.87
CA SER A 625 16.48 -5.36 -3.10
CA SER A 625 16.48 -5.33 -3.17
C SER A 625 17.56 -4.27 -3.09
N SER A 626 17.22 -3.01 -3.43
CA SER A 626 18.18 -1.88 -3.43
C SER A 626 18.63 -1.57 -1.99
N ARG A 627 17.79 -1.91 -1.03
CA ARG A 627 18.00 -1.69 0.42
C ARG A 627 18.24 -0.21 0.73
N VAL A 628 17.80 0.71 -0.15
CA VAL A 628 18.08 2.14 0.09
C VAL A 628 17.25 2.65 1.27
N THR A 629 15.96 2.30 1.32
CA THR A 629 15.03 2.90 2.29
C THR A 629 14.60 1.87 3.33
N THR A 630 15.09 0.64 3.22
CA THR A 630 14.74 -0.39 4.22
C THR A 630 15.84 -1.44 4.27
N THR A 631 16.15 -1.94 5.46
CA THR A 631 17.08 -3.06 5.68
C THR A 631 16.36 -4.41 5.57
N PHE A 632 15.08 -4.42 5.22
CA PHE A 632 14.24 -5.62 5.32
C PHE A 632 14.93 -6.84 4.68
N LYS A 633 15.43 -6.73 3.46
CA LYS A 633 15.95 -7.95 2.78
C LYS A 633 17.17 -8.46 3.53
N SER A 634 17.96 -7.58 4.10
CA SER A 634 19.14 -8.01 4.91
C SER A 634 18.63 -8.74 6.15
N ASN A 635 17.66 -8.14 6.83
CA ASN A 635 17.14 -8.73 8.08
C ASN A 635 16.57 -10.10 7.77
N LEU A 636 15.73 -10.19 6.75
CA LEU A 636 15.05 -11.47 6.47
C LEU A 636 16.06 -12.51 5.96
N THR A 637 17.03 -12.10 5.14
CA THR A 637 18.00 -13.10 4.63
C THR A 637 18.68 -13.79 5.82
N SER A 638 18.96 -13.03 6.88
CA SER A 638 19.64 -13.60 8.07
C SER A 638 18.69 -14.55 8.80
N LEU A 639 17.45 -14.14 9.02
CA LEU A 639 16.50 -14.94 9.82
C LEU A 639 16.10 -16.19 9.06
N ASN A 640 15.90 -16.04 7.76
CA ASN A 640 15.24 -17.12 6.99
C ASN A 640 15.61 -16.97 5.54
N PRO A 641 16.83 -17.39 5.16
CA PRO A 641 17.30 -17.16 3.80
C PRO A 641 16.40 -17.80 2.74
N THR A 642 15.79 -18.94 3.05
CA THR A 642 14.91 -19.60 2.07
C THR A 642 13.67 -18.72 1.82
N LEU A 643 13.12 -18.15 2.88
CA LEU A 643 11.96 -17.24 2.72
C LEU A 643 12.41 -15.94 2.05
N ALA A 644 13.64 -15.49 2.30
CA ALA A 644 14.10 -14.24 1.66
C ALA A 644 14.16 -14.41 0.14
N ASN A 645 14.26 -15.66 -0.34
CA ASN A 645 14.38 -15.94 -1.79
C ASN A 645 13.01 -15.99 -2.44
N ALA A 646 11.93 -15.93 -1.65
CA ALA A 646 10.57 -15.75 -2.20
C ALA A 646 10.54 -14.39 -2.90
N ASP A 647 9.50 -14.13 -3.69
CA ASP A 647 9.55 -12.95 -4.58
C ASP A 647 8.94 -11.76 -3.86
N TRP A 648 9.71 -11.21 -2.93
CA TRP A 648 9.31 -10.02 -2.15
C TRP A 648 9.31 -8.78 -3.02
N ILE A 649 8.25 -8.02 -2.90
CA ILE A 649 8.19 -6.64 -3.41
C ILE A 649 7.67 -5.76 -2.28
N GLY A 650 7.97 -4.48 -2.34
CA GLY A 650 7.38 -3.63 -1.30
C GLY A 650 7.68 -2.18 -1.51
N LYS A 651 7.14 -1.39 -0.61
CA LYS A 651 7.37 0.06 -0.62
C LYS A 651 7.44 0.55 0.82
N THR A 652 8.35 1.47 1.10
CA THR A 652 8.54 2.13 2.38
C THR A 652 7.76 3.44 2.42
N GLY A 653 7.43 3.84 3.62
CA GLY A 653 7.22 5.23 4.01
C GLY A 653 8.17 5.52 5.15
N THR A 654 9.47 5.69 4.84
CA THR A 654 10.56 5.75 5.85
C THR A 654 11.42 7.00 5.63
N THR A 655 11.08 7.87 4.66
CA THR A 655 12.05 8.92 4.24
C THR A 655 11.47 10.33 4.37
N GLY A 656 10.15 10.50 4.24
CA GLY A 656 9.55 11.81 3.89
C GLY A 656 9.23 12.66 5.12
N GLN A 657 9.27 12.07 6.30
CA GLN A 657 8.45 12.49 7.46
C GLN A 657 8.80 11.56 8.61
N ASP A 658 8.48 11.97 9.83
CA ASP A 658 8.98 11.20 11.00
C ASP A 658 7.81 10.81 11.90
N GLU A 659 6.55 11.06 11.53
CA GLU A 659 5.40 10.72 12.42
C GLU A 659 4.84 9.33 12.12
N ASN A 660 5.08 8.81 10.94
CA ASN A 660 4.47 7.54 10.50
C ASN A 660 5.49 6.81 9.66
N MET A 661 5.85 5.61 10.06
CA MET A 661 6.77 4.81 9.22
C MET A 661 5.99 3.61 8.73
N TRP A 662 6.12 3.33 7.44
CA TRP A 662 5.40 2.20 6.84
C TRP A 662 6.38 1.27 6.14
N LEU A 663 6.01 0.00 6.09
CA LEU A 663 6.60 -0.96 5.14
C LEU A 663 5.47 -1.84 4.66
N MET A 664 5.24 -1.81 3.37
CA MET A 664 4.23 -2.67 2.72
C MET A 664 4.99 -3.75 1.96
N LEU A 665 4.65 -5.01 2.19
CA LEU A 665 5.37 -6.17 1.61
C LEU A 665 4.37 -7.07 0.91
N SER A 666 4.76 -7.62 -0.22
CA SER A 666 3.95 -8.66 -0.91
C SER A 666 4.85 -9.75 -1.45
N THR A 667 4.33 -10.98 -1.41
CA THR A 667 4.67 -12.01 -2.38
C THR A 667 3.46 -12.20 -3.27
N PRO A 668 3.53 -13.03 -4.33
CA PRO A 668 2.33 -13.23 -5.13
C PRO A 668 1.13 -13.65 -4.28
N ARG A 669 1.34 -14.41 -3.22
CA ARG A 669 0.21 -14.95 -2.43
C ARG A 669 -0.33 -13.97 -1.40
N LEU A 670 0.53 -13.25 -0.70
CA LEU A 670 0.12 -12.48 0.50
C LEU A 670 0.66 -11.07 0.43
N THR A 671 -0.05 -10.17 1.08
CA THR A 671 0.45 -8.82 1.37
C THR A 671 0.43 -8.61 2.88
N LEU A 672 1.50 -8.02 3.41
CA LEU A 672 1.59 -7.63 4.81
C LEU A 672 1.83 -6.14 4.88
N GLY A 673 0.87 -5.42 5.45
CA GLY A 673 1.06 -3.99 5.72
C GLY A 673 1.60 -3.77 7.09
N GLY A 674 2.44 -2.77 7.24
CA GLY A 674 3.02 -2.45 8.54
C GLY A 674 3.14 -0.95 8.71
N TRP A 675 2.60 -0.47 9.82
CA TRP A 675 2.77 0.92 10.28
C TRP A 675 3.42 0.87 11.65
N ILE A 676 4.24 1.89 11.94
CA ILE A 676 4.62 2.21 13.33
C ILE A 676 4.51 3.72 13.50
N GLY A 677 4.37 4.12 14.74
CA GLY A 677 4.23 5.53 15.08
C GLY A 677 3.83 5.65 16.52
N HIS A 678 3.58 6.88 16.93
CA HIS A 678 3.12 7.17 18.30
C HIS A 678 1.66 7.59 18.22
N ASP A 679 0.86 7.16 19.20
CA ASP A 679 -0.58 7.47 19.26
C ASP A 679 -0.78 9.00 19.20
N ASP A 680 0.12 9.79 19.80
CA ASP A 680 -0.08 11.27 19.89
C ASP A 680 0.67 11.99 18.76
N ASN A 681 1.19 11.24 17.79
CA ASN A 681 1.80 11.76 16.54
C ASN A 681 3.14 12.45 16.84
N HIS A 682 3.77 12.21 18.00
CA HIS A 682 5.12 12.79 18.15
C HIS A 682 6.10 12.02 17.28
N SER A 683 7.19 12.65 16.88
CA SER A 683 8.15 12.14 15.86
C SER A 683 8.80 10.85 16.35
N LEU A 684 9.02 9.94 15.41
CA LEU A 684 9.96 8.80 15.59
C LEU A 684 11.37 9.24 15.20
N SER A 685 12.34 8.38 15.47
CA SER A 685 13.73 8.60 15.05
C SER A 685 13.78 8.50 13.53
N GLN A 686 14.81 9.12 12.95
CA GLN A 686 14.99 9.21 11.49
C GLN A 686 14.99 7.82 10.89
N GLN A 687 15.61 6.85 11.58
CA GLN A 687 15.87 5.47 11.06
C GLN A 687 14.83 4.45 11.59
N ALA A 688 13.79 4.87 12.31
CA ALA A 688 12.82 3.89 12.88
C ALA A 688 12.20 3.06 11.75
N GLY A 689 11.91 3.66 10.60
CA GLY A 689 11.28 2.92 9.50
C GLY A 689 12.31 2.13 8.72
N TYR A 690 13.46 2.74 8.48
CA TYR A 690 14.55 2.15 7.69
C TYR A 690 15.02 0.85 8.35
N SER A 691 15.29 0.89 9.65
CA SER A 691 15.89 -0.29 10.33
C SER A 691 14.89 -0.93 11.28
N ASN A 692 14.42 -0.20 12.30
CA ASN A 692 13.67 -0.90 13.38
C ASN A 692 12.44 -1.62 12.81
N ASN A 693 11.59 -0.91 12.06
CA ASN A 693 10.36 -1.55 11.54
C ASN A 693 10.74 -2.67 10.57
N SER A 694 11.80 -2.46 9.79
CA SER A 694 12.24 -3.49 8.82
C SER A 694 12.64 -4.78 9.55
N ASN A 695 13.36 -4.66 10.66
CA ASN A 695 13.80 -5.83 11.44
C ASN A 695 12.59 -6.49 12.10
N TYR A 696 11.73 -5.69 12.72
CA TYR A 696 10.50 -6.23 13.32
C TYR A 696 9.68 -6.98 12.26
N MET A 697 9.50 -6.38 11.09
CA MET A 697 8.65 -7.03 10.06
C MET A 697 9.33 -8.27 9.50
N ALA A 698 10.65 -8.31 9.44
CA ALA A 698 11.36 -9.57 9.07
C ALA A 698 11.05 -10.67 10.10
N HIS A 699 11.05 -10.32 11.38
CA HIS A 699 10.68 -11.29 12.46
C HIS A 699 9.24 -11.72 12.25
N LEU A 700 8.36 -10.78 11.93
CA LEU A 700 6.93 -11.08 11.80
C LEU A 700 6.71 -12.02 10.62
N VAL A 701 7.36 -11.73 9.50
CA VAL A 701 7.25 -12.58 8.28
C VAL A 701 7.77 -13.99 8.61
N ASN A 702 8.88 -14.06 9.31
CA ASN A 702 9.47 -15.36 9.70
C ASN A 702 8.49 -16.11 10.58
N ALA A 703 7.91 -15.44 11.57
CA ALA A 703 6.96 -16.07 12.50
C ALA A 703 5.77 -16.64 11.73
N ILE A 704 5.29 -15.91 10.73
CA ILE A 704 4.13 -16.33 9.92
C ILE A 704 4.55 -17.59 9.17
N GLN A 705 5.74 -17.60 8.58
CA GLN A 705 6.19 -18.75 7.76
C GLN A 705 6.39 -19.98 8.66
N GLN A 706 6.89 -19.79 9.87
CA GLN A 706 7.18 -20.94 10.75
C GLN A 706 5.85 -21.54 11.21
N ALA A 707 4.80 -20.72 11.33
CA ALA A 707 3.43 -21.15 11.71
C ALA A 707 2.79 -21.89 10.53
N SER A 708 3.10 -21.50 9.29
CA SER A 708 2.38 -21.96 8.07
C SER A 708 3.37 -21.98 6.90
N PRO A 709 4.16 -23.06 6.78
CA PRO A 709 5.37 -23.02 5.96
C PRO A 709 5.17 -22.61 4.50
N SER A 710 4.02 -22.90 3.92
CA SER A 710 3.76 -22.67 2.48
C SER A 710 3.03 -21.35 2.23
N ILE A 711 2.67 -20.61 3.29
CA ILE A 711 1.64 -19.55 3.15
C ILE A 711 2.14 -18.41 2.26
N TRP A 712 3.43 -18.12 2.28
CA TRP A 712 3.94 -16.99 1.46
C TRP A 712 4.04 -17.42 0.00
N GLY A 713 4.36 -18.69 -0.25
CA GLY A 713 4.45 -19.25 -1.61
C GLY A 713 5.80 -18.98 -2.24
N ASN A 714 6.10 -19.73 -3.29
CA ASN A 714 7.40 -19.66 -4.01
C ASN A 714 7.18 -19.14 -5.44
N GLU A 715 5.97 -18.70 -5.76
CA GLU A 715 5.66 -18.13 -7.10
C GLU A 715 6.43 -16.83 -7.29
N ARG A 716 6.67 -16.48 -8.54
CA ARG A 716 7.33 -15.22 -8.93
C ARG A 716 6.27 -14.29 -9.49
N PHE A 717 6.41 -13.00 -9.21
CA PHE A 717 5.73 -11.97 -10.01
C PHE A 717 6.36 -11.96 -11.41
N ALA A 718 5.55 -11.81 -12.44
CA ALA A 718 6.09 -11.79 -13.83
C ALA A 718 5.34 -10.76 -14.66
N LEU A 719 6.02 -10.15 -15.60
CA LEU A 719 5.38 -9.20 -16.54
C LEU A 719 4.25 -9.93 -17.25
N ASP A 720 3.10 -9.28 -17.33
CA ASP A 720 1.97 -9.73 -18.17
C ASP A 720 2.40 -9.69 -19.62
N PRO A 721 1.95 -10.66 -20.44
CA PRO A 721 2.22 -10.64 -21.87
C PRO A 721 1.76 -9.34 -22.56
N SER A 722 0.80 -8.64 -21.97
CA SER A 722 0.24 -7.39 -22.58
C SER A 722 1.22 -6.22 -22.42
N VAL A 723 2.27 -6.40 -21.60
CA VAL A 723 3.28 -5.34 -21.42
C VAL A 723 3.96 -5.08 -22.77
N VAL A 724 4.15 -3.82 -23.10
CA VAL A 724 4.88 -3.42 -24.33
C VAL A 724 6.30 -3.08 -23.94
N LYS A 725 7.27 -3.66 -24.66
CA LYS A 725 8.70 -3.43 -24.40
C LYS A 725 9.23 -2.49 -25.48
N SER A 726 9.71 -1.32 -25.07
CA SER A 726 10.31 -0.30 -25.97
C SER A 726 11.82 -0.21 -25.70
N GLU A 727 12.62 -0.21 -26.76
CA GLU A 727 14.05 0.18 -26.68
C GLU A 727 14.11 1.70 -26.65
N VAL A 728 14.58 2.25 -25.53
CA VAL A 728 14.66 3.72 -25.31
C VAL A 728 16.09 4.08 -24.93
N LEU A 729 16.47 5.34 -25.13
CA LEU A 729 17.73 5.89 -24.62
C LEU A 729 17.69 5.84 -23.10
N LYS A 730 18.76 5.37 -22.47
CA LYS A 730 18.95 5.56 -21.00
C LYS A 730 18.75 7.04 -20.66
N SER A 731 19.27 7.94 -21.51
CA SER A 731 19.36 9.38 -21.16
C SER A 731 17.97 10.02 -21.10
N THR A 732 17.06 9.62 -21.98
CA THR A 732 15.77 10.34 -22.14
C THR A 732 14.58 9.45 -21.77
N GLY A 733 14.77 8.13 -21.73
CA GLY A 733 13.68 7.16 -21.51
C GLY A 733 12.72 7.12 -22.69
N GLN A 734 13.12 7.72 -23.81
CA GLN A 734 12.30 7.76 -25.03
C GLN A 734 13.15 7.23 -26.20
N LYS A 735 12.48 6.88 -27.30
CA LYS A 735 13.17 6.23 -28.44
C LYS A 735 14.14 7.23 -29.08
N PRO A 736 15.30 6.74 -29.56
CA PRO A 736 16.29 7.60 -30.21
C PRO A 736 15.60 8.37 -31.35
N GLY A 737 16.12 9.56 -31.65
CA GLY A 737 15.73 10.35 -32.85
C GLY A 737 16.29 11.77 -32.80
N LYS A 738 15.62 12.67 -33.59
CA LYS A 738 16.07 14.07 -33.71
C LYS A 738 15.26 14.94 -32.75
N VAL A 739 15.93 15.86 -32.06
CA VAL A 739 15.34 16.90 -31.17
C VAL A 739 16.00 18.24 -31.50
N SER A 740 15.26 19.35 -31.42
CA SER A 740 15.84 20.70 -31.51
C SER A 740 16.36 21.12 -30.13
N VAL A 741 17.67 21.38 -30.05
CA VAL A 741 18.39 21.91 -28.85
C VAL A 741 19.13 23.17 -29.29
N GLU A 742 19.04 24.25 -28.51
CA GLU A 742 19.82 25.50 -28.72
C GLU A 742 19.51 26.06 -30.11
N GLY A 743 18.39 25.60 -30.71
CA GLY A 743 17.91 26.09 -32.02
C GLY A 743 18.26 25.15 -33.16
N LYS A 744 19.09 24.14 -32.89
CA LYS A 744 19.62 23.20 -33.92
C LYS A 744 19.01 21.81 -33.69
N GLU A 745 18.67 21.12 -34.79
CA GLU A 745 18.29 19.69 -34.82
C GLU A 745 19.49 18.84 -34.36
N VAL A 746 19.29 18.01 -33.33
CA VAL A 746 20.34 17.08 -32.82
C VAL A 746 19.83 15.64 -33.02
N GLU A 747 20.68 14.78 -33.57
CA GLU A 747 20.44 13.31 -33.59
C GLU A 747 20.84 12.73 -32.23
N VAL A 748 19.85 12.38 -31.42
CA VAL A 748 20.06 11.82 -30.05
C VAL A 748 20.18 10.29 -30.22
N THR A 749 21.41 9.81 -29.90
CA THR A 749 21.79 8.38 -29.79
C THR A 749 22.46 8.17 -28.43
N GLY A 750 22.93 6.93 -28.19
CA GLY A 750 23.58 6.55 -26.92
C GLY A 750 23.15 5.16 -26.48
N SER A 751 23.44 4.87 -25.18
CA SER A 751 23.04 3.60 -24.53
C SER A 751 21.52 3.48 -24.55
N THR A 752 21.01 2.27 -24.83
CA THR A 752 19.56 2.00 -24.81
C THR A 752 19.24 0.97 -23.72
N VAL A 753 17.99 0.93 -23.32
CA VAL A 753 17.48 0.02 -22.26
C VAL A 753 16.07 -0.38 -22.67
N THR A 754 15.61 -1.54 -22.20
CA THR A 754 14.20 -1.94 -22.42
C THR A 754 13.32 -1.24 -21.39
N SER A 755 12.33 -0.50 -21.86
CA SER A 755 11.35 0.20 -21.00
C SER A 755 9.99 -0.46 -21.15
N TYR A 756 9.33 -0.76 -20.03
CA TYR A 756 8.05 -1.48 -20.02
C TYR A 756 6.91 -0.47 -19.95
N TRP A 757 5.95 -0.63 -20.85
CA TRP A 757 4.81 0.29 -20.99
C TRP A 757 3.51 -0.51 -20.91
N ALA A 758 2.44 0.16 -20.51
CA ALA A 758 1.09 -0.45 -20.33
C ALA A 758 0.10 0.21 -21.28
N ASN A 759 0.60 0.75 -22.38
CA ASN A 759 -0.24 1.30 -23.48
C ASN A 759 -0.14 0.35 -24.66
N LYS A 760 -0.55 0.79 -25.85
CA LYS A 760 -0.47 -0.02 -27.09
C LYS A 760 0.89 0.16 -27.74
N SER A 761 1.39 1.40 -27.83
CA SER A 761 2.45 1.75 -28.81
C SER A 761 3.82 1.77 -28.11
N GLY A 762 3.83 1.68 -26.78
CA GLY A 762 5.07 1.82 -25.97
C GLY A 762 5.56 3.24 -25.93
N ALA A 763 6.88 3.43 -25.81
CA ALA A 763 7.52 4.74 -25.57
C ALA A 763 7.40 5.59 -26.83
N PRO A 764 7.26 6.92 -26.70
CA PRO A 764 7.33 7.82 -27.84
C PRO A 764 8.78 8.07 -28.28
N ALA A 765 8.96 8.69 -29.44
CA ALA A 765 10.25 9.31 -29.84
C ALA A 765 10.63 10.46 -28.88
N THR A 766 11.94 10.52 -28.57
CA THR A 766 12.50 11.56 -27.69
C THR A 766 11.98 12.92 -28.16
N SER A 767 11.50 13.72 -27.22
CA SER A 767 11.15 15.15 -27.39
C SER A 767 12.10 15.98 -26.53
N TYR A 768 12.14 17.28 -26.77
CA TYR A 768 12.96 18.18 -25.94
C TYR A 768 12.58 18.03 -24.46
N ARG A 769 11.29 18.07 -24.15
CA ARG A 769 10.81 17.86 -22.75
C ARG A 769 10.53 16.38 -22.55
N PHE A 770 11.59 15.58 -22.44
CA PHE A 770 11.54 14.09 -22.47
C PHE A 770 11.11 13.58 -21.09
N ALA A 771 11.27 14.37 -20.04
CA ALA A 771 11.10 13.92 -18.65
C ALA A 771 9.70 14.29 -18.15
N ILE A 772 9.28 13.60 -17.09
CA ILE A 772 8.15 14.07 -16.25
C ILE A 772 8.64 15.25 -15.41
N GLY A 773 8.10 16.43 -15.68
CA GLY A 773 8.38 17.66 -14.95
C GLY A 773 9.65 18.33 -15.44
N GLY A 774 10.08 19.36 -14.74
CA GLY A 774 11.29 20.11 -15.10
C GLY A 774 10.96 21.49 -15.62
N SER A 775 11.80 22.46 -15.27
CA SER A 775 11.74 23.84 -15.79
C SER A 775 12.52 23.94 -17.09
N ASP A 776 12.34 25.04 -17.84
CA ASP A 776 13.23 25.31 -18.99
C ASP A 776 14.69 25.02 -18.50
N ALA A 777 15.06 25.72 -17.39
CA ALA A 777 16.47 25.84 -16.94
C ALA A 777 16.99 24.43 -16.70
N ASP A 778 16.16 23.59 -16.08
CA ASP A 778 16.50 22.17 -15.86
C ASP A 778 16.90 21.57 -17.23
N TYR A 779 16.00 21.72 -18.22
CA TYR A 779 16.15 21.03 -19.52
C TYR A 779 17.41 21.56 -20.22
N GLN A 780 17.70 22.85 -20.06
CA GLN A 780 18.96 23.42 -20.60
C GLN A 780 20.11 22.62 -19.97
N ASN A 781 20.07 22.42 -18.65
CA ASN A 781 21.13 21.71 -17.91
C ASN A 781 21.18 20.25 -18.40
N ALA A 782 20.02 19.61 -18.53
CA ALA A 782 19.96 18.16 -18.84
C ALA A 782 20.50 17.95 -20.26
N TRP A 783 20.07 18.79 -21.20
CA TRP A 783 20.42 18.62 -22.64
C TRP A 783 21.89 18.96 -22.86
N SER A 784 22.42 19.90 -22.08
CA SER A 784 23.86 20.24 -22.16
C SER A 784 24.67 18.98 -21.85
N SER A 785 24.27 18.24 -20.83
CA SER A 785 24.94 16.96 -20.43
C SER A 785 24.72 15.88 -21.50
N ILE A 786 23.51 15.77 -22.04
CA ILE A 786 23.18 14.69 -23.04
C ILE A 786 23.96 14.99 -24.33
N VAL A 787 23.87 16.21 -24.85
CA VAL A 787 24.57 16.64 -26.08
C VAL A 787 26.08 16.43 -25.88
N GLY A 788 26.61 16.83 -24.71
CA GLY A 788 28.00 16.59 -24.30
C GLY A 788 28.44 15.15 -24.56
N SER A 789 27.49 14.20 -24.50
CA SER A 789 27.78 12.74 -24.43
C SER A 789 27.81 12.12 -25.83
N LEU A 790 27.19 12.77 -26.82
CA LEU A 790 27.10 12.27 -28.22
C LEU A 790 28.47 12.42 -28.90
#